data_1PEA
#
_entry.id   1PEA
#
_cell.length_a   104.960
_cell.length_b   104.960
_cell.length_c   65.800
_cell.angle_alpha   90.00
_cell.angle_beta   90.00
_cell.angle_gamma   90.00
#
_symmetry.space_group_name_H-M   'P 42 21 2'
#
loop_
_entity.id
_entity.type
_entity.pdbx_description
1 polymer 'AMIDASE OPERON'
2 non-polymer ACETAMIDE
3 water water
#
_entity_poly.entity_id   1
_entity_poly.type   'polypeptide(L)'
_entity_poly.pdbx_seq_one_letter_code
;MGSHQERPLIGLLFSETGVTADIERSQRYGALLAVEQLNREGGVGGRPIETLSQDPGGDPDRYRLCAEDFIRNRGVRFLV
GCYMSHTRKAVMPVVERADALLCYPTPYEGFEYSPNIVYGGPAPNQNSAPLAAYLIRHYGERVVFIGSDYIYPRESNHVM
RHLYRQHGGTVLEEIYIPLYPSDDDLQRAVERIYQARADVVFSTVVGTGTAELYRAIARRYGDGRRPPIASLTTSEAEVA
KMESDVAEGQVVVAPYFSSIDTPASRAFVQACHGFFPENATITAWAEAAYWQTLLLGRAAQAAGNWRVEDVQRHLYDIDI
DAPQGPVRVERQNNHSRLSSRIAEIDARGVFQVRWQSPEPIRPDPYVVVHNLDDWSASMGGGPLP
;
_entity_poly.pdbx_strand_id   A
#
# COMPACT_ATOMS: atom_id res chain seq x y z
N PRO A 8 0.71 -20.20 18.32
CA PRO A 8 0.68 -18.91 17.63
C PRO A 8 1.63 -18.86 16.43
N LEU A 9 1.20 -19.46 15.31
CA LEU A 9 1.96 -19.54 14.06
C LEU A 9 1.40 -18.56 13.04
N ILE A 10 2.27 -17.77 12.41
CA ILE A 10 1.85 -16.75 11.45
C ILE A 10 2.56 -16.90 10.09
N GLY A 11 1.79 -16.99 9.00
CA GLY A 11 2.37 -17.10 7.67
C GLY A 11 2.60 -15.74 7.00
N LEU A 12 3.80 -15.48 6.52
CA LEU A 12 4.13 -14.22 5.85
C LEU A 12 4.30 -14.43 4.35
N LEU A 13 3.35 -13.92 3.55
CA LEU A 13 3.37 -13.98 2.06
C LEU A 13 3.81 -12.63 1.42
N PHE A 14 5.14 -12.47 1.33
CA PHE A 14 5.82 -11.28 0.81
C PHE A 14 6.98 -11.68 -0.08
N SER A 15 7.07 -11.06 -1.25
CA SER A 15 8.13 -11.35 -2.20
C SER A 15 9.46 -10.83 -1.73
N GLU A 16 10.48 -11.60 -2.09
CA GLU A 16 11.87 -11.28 -1.79
C GLU A 16 12.51 -10.97 -3.13
N THR A 17 11.92 -11.46 -4.20
CA THR A 17 12.46 -11.18 -5.51
C THR A 17 11.23 -10.80 -6.30
N GLY A 18 11.47 -10.32 -7.51
CA GLY A 18 10.36 -9.97 -8.37
C GLY A 18 10.19 -8.48 -8.55
N VAL A 19 9.15 -8.10 -9.29
CA VAL A 19 8.87 -6.71 -9.58
C VAL A 19 8.69 -5.79 -8.38
N THR A 20 8.08 -6.31 -7.31
CA THR A 20 7.79 -5.56 -6.10
C THR A 20 8.54 -6.10 -4.85
N ALA A 21 9.72 -6.67 -5.09
CA ALA A 21 10.52 -7.27 -4.03
C ALA A 21 10.88 -6.24 -2.99
N ASP A 22 11.23 -5.03 -3.43
CA ASP A 22 11.62 -3.96 -2.50
C ASP A 22 10.49 -3.50 -1.61
N ILE A 23 9.30 -3.31 -2.16
CA ILE A 23 8.21 -2.86 -1.32
C ILE A 23 7.80 -3.96 -0.41
N GLU A 24 7.63 -5.16 -0.96
CA GLU A 24 7.22 -6.27 -0.13
C GLU A 24 8.21 -6.64 1.01
N ARG A 25 9.50 -6.41 0.81
CA ARG A 25 10.52 -6.66 1.85
C ARG A 25 10.25 -5.64 2.98
N SER A 26 9.90 -4.40 2.58
CA SER A 26 9.56 -3.35 3.53
C SER A 26 8.35 -3.78 4.33
N GLN A 27 7.41 -4.49 3.71
CA GLN A 27 6.23 -4.95 4.41
C GLN A 27 6.52 -6.10 5.31
N ARG A 28 7.31 -7.05 4.81
CA ARG A 28 7.65 -8.21 5.62
C ARG A 28 8.32 -7.77 6.90
N TYR A 29 9.29 -6.86 6.82
CA TYR A 29 9.95 -6.39 8.01
C TYR A 29 9.08 -5.69 9.05
N GLY A 30 8.13 -4.87 8.61
CA GLY A 30 7.26 -4.19 9.55
C GLY A 30 6.47 -5.28 10.24
N ALA A 31 6.22 -6.39 9.53
CA ALA A 31 5.48 -7.49 10.12
C ALA A 31 6.35 -8.21 11.15
N LEU A 32 7.59 -8.51 10.80
CA LEU A 32 8.54 -9.19 11.71
C LEU A 32 8.75 -8.39 12.99
N LEU A 33 8.85 -7.08 12.86
CA LEU A 33 9.00 -6.16 14.00
C LEU A 33 7.79 -6.18 14.93
N ALA A 34 6.58 -6.32 14.38
CA ALA A 34 5.39 -6.35 15.22
C ALA A 34 5.44 -7.60 16.03
N VAL A 35 5.90 -8.70 15.42
CA VAL A 35 5.99 -9.97 16.12
C VAL A 35 7.16 -9.96 17.10
N GLU A 36 8.21 -9.21 16.79
CA GLU A 36 9.35 -9.08 17.68
C GLU A 36 8.76 -8.54 19.01
N GLN A 37 8.25 -7.32 18.99
CA GLN A 37 7.66 -6.72 20.18
C GLN A 37 6.55 -7.53 20.84
N LEU A 38 5.67 -8.14 20.06
CA LEU A 38 4.60 -8.94 20.65
C LEU A 38 5.19 -10.11 21.41
N ASN A 39 6.32 -10.62 20.94
CA ASN A 39 6.99 -11.69 21.60
C ASN A 39 7.76 -11.16 22.83
N ARG A 40 8.52 -10.09 22.63
CA ARG A 40 9.29 -9.47 23.71
C ARG A 40 8.33 -8.58 24.48
N GLU A 41 7.30 -9.24 24.99
CA GLU A 41 6.23 -8.68 25.76
C GLU A 41 5.57 -9.91 26.40
N GLY A 42 6.26 -11.05 26.31
CA GLY A 42 5.74 -12.29 26.88
C GLY A 42 5.07 -13.18 25.86
N GLY A 43 5.09 -12.69 24.63
CA GLY A 43 4.49 -13.42 23.54
C GLY A 43 3.01 -13.17 23.52
N VAL A 44 2.27 -14.27 23.54
CA VAL A 44 0.83 -14.26 23.53
C VAL A 44 0.53 -15.54 24.23
N GLY A 45 0.08 -15.44 25.48
CA GLY A 45 -0.22 -16.63 26.24
C GLY A 45 1.03 -17.26 26.81
N GLY A 46 2.07 -16.43 26.97
CA GLY A 46 3.32 -16.90 27.50
C GLY A 46 4.03 -17.82 26.50
N ARG A 47 3.37 -18.12 25.38
CA ARG A 47 3.91 -18.94 24.27
C ARG A 47 4.32 -17.94 23.15
N PRO A 48 5.48 -18.17 22.51
CA PRO A 48 5.98 -17.29 21.44
C PRO A 48 5.25 -17.44 20.09
N ILE A 49 5.07 -16.30 19.43
CA ILE A 49 4.44 -16.28 18.11
C ILE A 49 5.59 -16.52 17.18
N GLU A 50 5.47 -17.57 16.36
CA GLU A 50 6.48 -17.91 15.38
C GLU A 50 5.98 -17.70 13.91
N THR A 51 6.83 -17.14 13.07
CA THR A 51 6.43 -16.88 11.73
C THR A 51 7.12 -17.78 10.72
N LEU A 52 6.48 -17.86 9.55
CA LEU A 52 6.90 -18.63 8.37
C LEU A 52 6.98 -17.65 7.22
N SER A 53 7.90 -17.86 6.29
CA SER A 53 8.03 -17.00 5.16
C SER A 53 8.35 -17.82 3.95
N GLN A 54 7.88 -17.39 2.80
CA GLN A 54 8.20 -18.07 1.59
C GLN A 54 8.14 -16.95 0.58
N ASP A 55 9.07 -17.00 -0.37
CA ASP A 55 9.21 -15.97 -1.42
C ASP A 55 8.40 -16.39 -2.63
N PRO A 56 7.31 -15.69 -2.93
CA PRO A 56 6.52 -16.09 -4.08
C PRO A 56 7.01 -15.37 -5.35
N GLY A 57 7.98 -14.47 -5.18
CA GLY A 57 8.52 -13.74 -6.29
C GLY A 57 7.56 -12.94 -7.13
N GLY A 58 6.47 -12.48 -6.52
CA GLY A 58 5.46 -11.67 -7.19
C GLY A 58 4.66 -12.38 -8.25
N ASP A 59 4.52 -13.68 -8.14
CA ASP A 59 3.80 -14.45 -9.13
C ASP A 59 2.55 -14.89 -8.45
N PRO A 60 1.37 -14.57 -9.00
CA PRO A 60 0.09 -14.98 -8.41
C PRO A 60 -0.08 -16.47 -8.18
N ASP A 61 0.55 -17.32 -9.00
CA ASP A 61 0.47 -18.79 -8.85
C ASP A 61 1.37 -19.30 -7.76
N ARG A 62 2.45 -18.60 -7.48
CA ARG A 62 3.32 -19.05 -6.40
C ARG A 62 2.74 -18.53 -5.10
N TYR A 63 1.98 -17.45 -5.15
CA TYR A 63 1.34 -16.95 -3.92
C TYR A 63 0.26 -17.93 -3.50
N ARG A 64 -0.55 -18.42 -4.46
CA ARG A 64 -1.61 -19.40 -4.19
C ARG A 64 -0.99 -20.69 -3.69
N LEU A 65 0.06 -21.16 -4.33
CA LEU A 65 0.77 -22.36 -3.94
C LEU A 65 1.33 -22.22 -2.54
N CYS A 66 2.02 -21.12 -2.27
CA CYS A 66 2.59 -20.88 -0.96
C CYS A 66 1.52 -20.80 0.11
N ALA A 67 0.46 -20.04 -0.15
CA ALA A 67 -0.66 -19.96 0.79
C ALA A 67 -1.14 -21.39 1.05
N GLU A 68 -1.35 -22.18 -0.01
CA GLU A 68 -1.82 -23.57 0.08
C GLU A 68 -0.90 -24.44 0.91
N ASP A 69 0.39 -24.22 0.79
CA ASP A 69 1.35 -24.98 1.57
C ASP A 69 1.38 -24.53 3.05
N PHE A 70 1.32 -23.23 3.30
CA PHE A 70 1.31 -22.72 4.66
C PHE A 70 0.11 -23.24 5.38
N ILE A 71 -1.04 -23.14 4.71
CA ILE A 71 -2.30 -23.57 5.28
C ILE A 71 -2.45 -25.09 5.35
N ARG A 72 -2.45 -25.74 4.19
CA ARG A 72 -2.60 -27.18 4.12
C ARG A 72 -1.47 -27.99 4.75
N ASN A 73 -0.27 -27.47 4.86
CA ASN A 73 0.75 -28.33 5.46
C ASN A 73 1.27 -27.84 6.78
N ARG A 74 1.45 -26.56 6.91
CA ARG A 74 2.00 -26.04 8.13
C ARG A 74 0.94 -25.65 9.15
N GLY A 75 -0.32 -25.95 8.84
CA GLY A 75 -1.41 -25.58 9.72
C GLY A 75 -1.46 -24.09 10.08
N VAL A 76 -1.14 -23.23 9.11
CA VAL A 76 -1.18 -21.78 9.32
C VAL A 76 -2.59 -21.31 9.11
N ARG A 77 -3.14 -20.53 10.03
CA ARG A 77 -4.48 -20.04 9.80
C ARG A 77 -4.49 -18.53 9.75
N PHE A 78 -3.37 -17.91 10.10
CA PHE A 78 -3.25 -16.48 10.08
C PHE A 78 -2.08 -16.05 9.15
N LEU A 79 -2.33 -15.12 8.22
CA LEU A 79 -1.28 -14.68 7.30
C LEU A 79 -1.31 -13.21 7.12
N VAL A 80 -0.13 -12.66 6.86
CA VAL A 80 0.00 -11.24 6.55
C VAL A 80 0.69 -11.30 5.19
N GLY A 81 0.22 -10.54 4.20
CA GLY A 81 0.86 -10.62 2.89
C GLY A 81 0.09 -10.13 1.69
N CYS A 82 0.78 -10.18 0.56
CA CYS A 82 0.29 -9.76 -0.75
C CYS A 82 0.41 -8.28 -0.87
N TYR A 83 0.76 -7.84 -2.06
CA TYR A 83 0.82 -6.42 -2.36
C TYR A 83 -0.02 -6.20 -3.63
N MET A 84 0.41 -6.72 -4.78
CA MET A 84 -0.34 -6.58 -6.06
C MET A 84 -1.70 -7.29 -5.98
N SER A 85 -2.74 -6.60 -6.39
CA SER A 85 -4.10 -7.12 -6.33
C SER A 85 -4.41 -8.53 -6.90
N HIS A 86 -3.82 -8.90 -8.03
CA HIS A 86 -4.03 -10.24 -8.63
C HIS A 86 -3.42 -11.29 -7.71
N THR A 87 -2.34 -10.98 -7.03
CA THR A 87 -1.81 -11.99 -6.15
C THR A 87 -2.79 -12.12 -4.94
N ARG A 88 -3.37 -11.04 -4.45
CA ARG A 88 -4.30 -11.14 -3.34
C ARG A 88 -5.51 -11.98 -3.74
N LYS A 89 -6.02 -11.73 -4.94
CA LYS A 89 -7.18 -12.43 -5.50
C LYS A 89 -6.91 -13.91 -5.73
N ALA A 90 -5.65 -14.24 -6.00
CA ALA A 90 -5.23 -15.64 -6.18
C ALA A 90 -5.27 -16.43 -4.86
N VAL A 91 -4.90 -15.77 -3.76
CA VAL A 91 -4.87 -16.36 -2.41
C VAL A 91 -6.26 -16.39 -1.74
N MET A 92 -7.09 -15.41 -2.08
CA MET A 92 -8.39 -15.30 -1.48
C MET A 92 -9.23 -16.56 -1.44
N PRO A 93 -9.33 -17.33 -2.57
CA PRO A 93 -10.14 -18.55 -2.56
C PRO A 93 -9.57 -19.54 -1.55
N VAL A 94 -8.25 -19.57 -1.46
CA VAL A 94 -7.54 -20.46 -0.54
C VAL A 94 -7.92 -20.13 0.91
N VAL A 95 -7.74 -18.89 1.32
CA VAL A 95 -8.09 -18.50 2.70
C VAL A 95 -9.58 -18.69 2.96
N GLU A 96 -10.45 -18.37 2.02
CA GLU A 96 -11.85 -18.57 2.32
C GLU A 96 -12.24 -20.05 2.52
N ARG A 97 -11.68 -20.94 1.71
CA ARG A 97 -11.99 -22.35 1.88
C ARG A 97 -11.51 -22.82 3.24
N ALA A 98 -10.25 -22.51 3.54
CA ALA A 98 -9.60 -22.89 4.77
C ALA A 98 -10.06 -22.15 5.99
N ASP A 99 -11.05 -21.26 5.86
CA ASP A 99 -11.48 -20.52 7.03
C ASP A 99 -10.35 -19.79 7.69
N ALA A 100 -9.27 -19.48 6.96
CA ALA A 100 -8.12 -18.78 7.55
C ALA A 100 -8.32 -17.28 7.47
N LEU A 101 -7.38 -16.49 7.96
CA LEU A 101 -7.48 -15.02 7.90
C LEU A 101 -6.24 -14.41 7.28
N LEU A 102 -6.43 -13.41 6.44
CA LEU A 102 -5.30 -12.77 5.81
C LEU A 102 -5.38 -11.26 6.02
N CYS A 103 -4.28 -10.64 6.39
CA CYS A 103 -4.25 -9.21 6.55
C CYS A 103 -3.59 -8.66 5.33
N TYR A 104 -4.24 -7.75 4.61
CA TYR A 104 -3.69 -7.19 3.41
C TYR A 104 -3.25 -5.75 3.69
N PRO A 105 -1.95 -5.55 3.90
CA PRO A 105 -1.35 -4.26 4.20
C PRO A 105 -0.96 -3.36 3.03
N THR A 106 -1.88 -3.19 2.09
CA THR A 106 -1.61 -2.48 0.85
C THR A 106 -2.80 -1.70 0.35
N PRO A 107 -2.56 -0.61 -0.37
CA PRO A 107 -3.60 0.25 -0.97
C PRO A 107 -4.13 -0.51 -2.16
N TYR A 108 -5.40 -0.41 -2.48
CA TYR A 108 -5.90 -1.17 -3.58
C TYR A 108 -7.15 -0.49 -4.14
N GLU A 109 -7.59 -1.01 -5.27
CA GLU A 109 -8.72 -0.56 -6.09
C GLU A 109 -10.17 -0.55 -5.55
N GLY A 110 -10.45 -1.24 -4.46
CA GLY A 110 -11.79 -1.31 -3.90
C GLY A 110 -12.61 -2.43 -4.53
N PHE A 111 -13.91 -2.35 -4.35
CA PHE A 111 -14.84 -3.31 -4.91
C PHE A 111 -14.61 -4.72 -4.64
N GLU A 112 -14.21 -5.02 -3.41
CA GLU A 112 -14.02 -6.41 -3.01
C GLU A 112 -14.33 -6.58 -1.56
N TYR A 113 -14.92 -7.72 -1.26
CA TYR A 113 -15.20 -8.10 0.11
C TYR A 113 -14.99 -9.59 0.32
N SER A 114 -14.45 -9.87 1.50
CA SER A 114 -14.21 -11.24 1.94
C SER A 114 -14.22 -11.20 3.46
N PRO A 115 -14.89 -12.15 4.07
CA PRO A 115 -14.94 -12.21 5.54
C PRO A 115 -13.57 -12.68 6.15
N ASN A 116 -12.71 -13.24 5.30
CA ASN A 116 -11.41 -13.78 5.69
C ASN A 116 -10.25 -12.89 5.29
N ILE A 117 -10.49 -11.64 4.93
CA ILE A 117 -9.40 -10.77 4.58
C ILE A 117 -9.63 -9.44 5.26
N VAL A 118 -8.59 -8.97 5.97
CA VAL A 118 -8.63 -7.69 6.68
C VAL A 118 -7.81 -6.71 5.83
N TYR A 119 -8.48 -5.70 5.29
CA TYR A 119 -7.83 -4.75 4.41
C TYR A 119 -7.23 -3.61 5.21
N GLY A 120 -5.91 -3.55 5.20
CA GLY A 120 -5.18 -2.54 5.96
C GLY A 120 -4.63 -1.36 5.21
N GLY A 121 -4.86 -1.31 3.91
CA GLY A 121 -4.36 -0.21 3.14
C GLY A 121 -5.62 0.46 2.69
N PRO A 122 -5.50 1.69 2.18
CA PRO A 122 -6.63 2.50 1.69
C PRO A 122 -7.43 2.05 0.43
N ALA A 123 -8.78 2.09 0.49
CA ALA A 123 -9.64 1.83 -0.70
C ALA A 123 -9.60 3.24 -1.38
N PRO A 124 -10.09 3.40 -2.62
CA PRO A 124 -10.09 4.66 -3.40
C PRO A 124 -10.54 5.96 -2.75
N ASN A 125 -11.58 5.85 -1.92
CA ASN A 125 -12.15 6.95 -1.17
C ASN A 125 -11.20 7.51 -0.07
N GLN A 126 -10.10 6.80 0.20
CA GLN A 126 -9.18 7.19 1.23
C GLN A 126 -7.91 7.74 0.74
N ASN A 127 -7.63 7.54 -0.53
CA ASN A 127 -6.42 8.07 -1.14
C ASN A 127 -6.74 8.80 -2.44
N SER A 128 -7.42 8.13 -3.36
CA SER A 128 -7.73 8.76 -4.62
C SER A 128 -8.60 9.96 -4.50
N ALA A 129 -9.65 9.88 -3.69
CA ALA A 129 -10.57 11.01 -3.54
C ALA A 129 -9.92 12.30 -3.05
N PRO A 130 -9.17 12.23 -1.92
CA PRO A 130 -8.51 13.46 -1.44
C PRO A 130 -7.52 13.98 -2.50
N LEU A 131 -6.75 13.06 -3.10
CA LEU A 131 -5.72 13.37 -4.10
C LEU A 131 -6.21 14.12 -5.39
N ALA A 132 -7.28 13.63 -6.00
CA ALA A 132 -7.83 14.25 -7.19
C ALA A 132 -8.11 15.73 -6.86
N ALA A 133 -8.73 16.00 -5.70
CA ALA A 133 -9.06 17.37 -5.27
C ALA A 133 -7.84 18.22 -5.04
N TYR A 134 -6.77 17.62 -4.54
CA TYR A 134 -5.52 18.33 -4.29
C TYR A 134 -4.78 18.56 -5.61
N LEU A 135 -4.81 17.59 -6.50
CA LEU A 135 -4.11 17.76 -7.76
C LEU A 135 -4.73 18.86 -8.61
N ILE A 136 -6.05 18.86 -8.71
CA ILE A 136 -6.75 19.82 -9.53
C ILE A 136 -6.63 21.19 -8.94
N ARG A 137 -7.01 21.28 -7.68
CA ARG A 137 -7.04 22.51 -6.93
C ARG A 137 -5.68 22.80 -6.36
N HIS A 138 -4.66 22.74 -7.22
CA HIS A 138 -3.25 22.96 -6.86
C HIS A 138 -2.29 22.80 -8.05
N TYR A 139 -2.68 22.00 -9.07
CA TYR A 139 -1.82 21.80 -10.23
C TYR A 139 -2.44 22.09 -11.56
N GLY A 140 -3.66 21.61 -11.75
CA GLY A 140 -4.32 21.82 -13.03
C GLY A 140 -5.39 20.78 -13.23
N GLU A 141 -6.05 20.75 -14.38
CA GLU A 141 -7.11 19.79 -14.51
C GLU A 141 -6.83 18.74 -15.53
N ARG A 142 -5.75 18.91 -16.28
CA ARG A 142 -5.38 17.97 -17.29
C ARG A 142 -4.43 16.98 -16.70
N VAL A 143 -4.78 15.69 -16.77
CA VAL A 143 -3.97 14.59 -16.25
C VAL A 143 -3.88 13.46 -17.28
N VAL A 144 -2.78 12.74 -17.26
CA VAL A 144 -2.60 11.59 -18.13
C VAL A 144 -2.37 10.37 -17.16
N PHE A 145 -3.03 9.25 -17.39
CA PHE A 145 -2.81 8.09 -16.53
C PHE A 145 -1.77 7.11 -17.14
N ILE A 146 -0.87 6.57 -16.34
CA ILE A 146 0.09 5.56 -16.81
C ILE A 146 0.12 4.54 -15.66
N GLY A 147 -0.15 3.28 -16.00
CA GLY A 147 -0.15 2.24 -14.99
C GLY A 147 0.52 0.95 -15.47
N SER A 148 0.85 0.04 -14.55
CA SER A 148 1.41 -1.20 -14.98
C SER A 148 0.20 -1.96 -15.48
N ASP A 149 0.45 -2.97 -16.30
CA ASP A 149 -0.65 -3.73 -16.89
C ASP A 149 -1.24 -4.89 -16.12
N TYR A 150 -2.06 -4.56 -15.12
CA TYR A 150 -2.79 -5.55 -14.30
C TYR A 150 -4.06 -4.93 -13.67
N ILE A 151 -4.79 -5.72 -12.91
CA ILE A 151 -6.00 -5.26 -12.35
C ILE A 151 -5.96 -4.03 -11.44
N TYR A 152 -4.92 -3.88 -10.61
CA TYR A 152 -4.88 -2.68 -9.75
C TYR A 152 -4.87 -1.32 -10.51
N PRO A 153 -3.90 -1.08 -11.45
CA PRO A 153 -3.89 0.20 -12.18
C PRO A 153 -5.23 0.49 -12.96
N ARG A 154 -5.72 -0.55 -13.66
CA ARG A 154 -6.92 -0.48 -14.46
C ARG A 154 -8.10 -0.08 -13.65
N GLU A 155 -8.33 -0.77 -12.53
CA GLU A 155 -9.44 -0.44 -11.66
C GLU A 155 -9.26 0.90 -10.96
N SER A 156 -8.02 1.23 -10.61
CA SER A 156 -7.71 2.48 -9.95
C SER A 156 -7.99 3.63 -10.90
N ASN A 157 -7.59 3.51 -12.16
CA ASN A 157 -7.85 4.53 -13.16
C ASN A 157 -9.33 4.60 -13.56
N HIS A 158 -10.07 3.53 -13.39
CA HIS A 158 -11.51 3.54 -13.66
C HIS A 158 -12.13 4.59 -12.68
N VAL A 159 -11.84 4.41 -11.40
CA VAL A 159 -12.35 5.30 -10.41
C VAL A 159 -11.76 6.71 -10.48
N MET A 160 -10.52 6.85 -10.91
CA MET A 160 -9.90 8.18 -11.01
C MET A 160 -10.50 8.89 -12.23
N ARG A 161 -11.10 8.10 -13.10
CA ARG A 161 -11.74 8.63 -14.30
C ARG A 161 -12.93 9.38 -13.74
N HIS A 162 -13.75 8.67 -12.98
CA HIS A 162 -14.94 9.22 -12.36
C HIS A 162 -14.69 10.49 -11.53
N LEU A 163 -13.65 10.45 -10.70
CA LEU A 163 -13.27 11.54 -9.83
C LEU A 163 -12.82 12.75 -10.63
N TYR A 164 -12.05 12.56 -11.69
CA TYR A 164 -11.61 13.70 -12.44
C TYR A 164 -12.81 14.40 -13.07
N ARG A 165 -13.70 13.63 -13.68
CA ARG A 165 -14.90 14.21 -14.28
C ARG A 165 -15.73 14.97 -13.28
N GLN A 166 -15.95 14.40 -12.10
CA GLN A 166 -16.74 15.06 -11.04
C GLN A 166 -16.23 16.44 -10.67
N HIS A 167 -14.97 16.70 -10.96
CA HIS A 167 -14.31 17.97 -10.66
C HIS A 167 -13.92 18.66 -11.96
N GLY A 168 -14.69 18.40 -13.01
CA GLY A 168 -14.44 18.99 -14.31
C GLY A 168 -12.99 18.96 -14.78
N GLY A 169 -12.25 17.90 -14.42
CA GLY A 169 -10.89 17.77 -14.90
C GLY A 169 -10.98 17.02 -16.22
N THR A 170 -9.84 16.84 -16.87
CA THR A 170 -9.82 16.15 -18.15
C THR A 170 -8.79 15.00 -18.15
N VAL A 171 -9.18 13.76 -18.49
CA VAL A 171 -8.20 12.64 -18.55
C VAL A 171 -7.74 12.52 -20.00
N LEU A 172 -6.53 12.98 -20.32
CA LEU A 172 -6.06 12.96 -21.70
C LEU A 172 -5.73 11.58 -22.30
N GLU A 173 -5.02 10.75 -21.57
CA GLU A 173 -4.65 9.43 -22.06
C GLU A 173 -4.61 8.55 -20.87
N GLU A 174 -4.69 7.28 -21.17
CA GLU A 174 -4.63 6.18 -20.22
C GLU A 174 -3.69 5.15 -20.90
N ILE A 175 -2.45 5.12 -20.43
CA ILE A 175 -1.41 4.27 -20.97
C ILE A 175 -1.06 3.15 -19.99
N TYR A 176 -0.80 1.93 -20.48
CA TYR A 176 -0.37 0.83 -19.65
C TYR A 176 0.92 0.24 -20.19
N ILE A 177 1.84 -0.15 -19.29
CA ILE A 177 3.14 -0.77 -19.60
C ILE A 177 3.20 -2.10 -18.81
N PRO A 178 3.97 -3.09 -19.33
CA PRO A 178 4.13 -4.41 -18.69
C PRO A 178 4.69 -4.25 -17.31
N LEU A 179 4.49 -5.23 -16.40
CA LEU A 179 5.07 -5.17 -15.06
C LEU A 179 6.61 -5.28 -15.10
N TYR A 180 7.09 -6.00 -16.14
CA TYR A 180 8.51 -6.26 -16.45
C TYR A 180 8.64 -5.64 -17.81
N PRO A 181 8.79 -4.33 -17.82
CA PRO A 181 8.90 -3.53 -19.04
C PRO A 181 10.27 -3.37 -19.67
N SER A 182 10.31 -3.34 -20.99
CA SER A 182 11.58 -3.12 -21.69
C SER A 182 11.70 -1.61 -21.86
N ASP A 183 12.91 -1.08 -22.04
CA ASP A 183 13.08 0.38 -22.24
C ASP A 183 12.27 0.91 -23.42
N ASP A 184 12.04 0.04 -24.40
CA ASP A 184 11.26 0.37 -25.58
C ASP A 184 9.92 0.81 -25.08
N ASP A 185 9.26 -0.04 -24.27
CA ASP A 185 7.94 0.28 -23.72
C ASP A 185 7.97 1.57 -22.96
N LEU A 186 8.99 1.69 -22.12
CA LEU A 186 9.12 2.87 -21.29
C LEU A 186 9.27 4.10 -22.19
N GLN A 187 10.00 3.97 -23.28
CA GLN A 187 10.18 5.11 -24.17
C GLN A 187 8.98 5.47 -24.99
N ARG A 188 8.23 4.50 -25.46
CA ARG A 188 7.07 4.85 -26.21
C ARG A 188 6.04 5.38 -25.25
N ALA A 189 6.10 4.98 -23.99
CA ALA A 189 5.09 5.47 -23.09
C ALA A 189 5.29 6.93 -22.71
N VAL A 190 6.50 7.26 -22.34
CA VAL A 190 6.84 8.62 -21.92
C VAL A 190 6.65 9.63 -23.03
N GLU A 191 6.78 9.15 -24.26
CA GLU A 191 6.61 9.97 -25.44
C GLU A 191 5.16 10.36 -25.48
N ARG A 192 4.30 9.39 -25.25
CA ARG A 192 2.87 9.65 -25.20
C ARG A 192 2.49 10.60 -24.07
N ILE A 193 3.22 10.50 -22.97
CA ILE A 193 2.96 11.36 -21.80
C ILE A 193 3.47 12.77 -22.12
N TYR A 194 4.61 12.82 -22.82
CA TYR A 194 5.23 14.09 -23.20
C TYR A 194 4.38 14.94 -24.12
N GLN A 195 3.87 14.29 -25.15
CA GLN A 195 3.07 14.95 -26.15
C GLN A 195 1.69 15.32 -25.69
N ALA A 196 1.21 14.67 -24.62
CA ALA A 196 -0.15 14.95 -24.11
C ALA A 196 -0.31 16.34 -23.46
N ARG A 197 0.81 16.91 -23.00
CA ARG A 197 0.73 18.23 -22.42
C ARG A 197 -0.22 18.38 -21.21
N ALA A 198 -0.04 17.48 -20.24
CA ALA A 198 -0.84 17.43 -19.04
C ALA A 198 -0.20 18.24 -17.92
N ASP A 199 -0.99 18.56 -16.89
CA ASP A 199 -0.52 19.31 -15.72
C ASP A 199 -0.08 18.34 -14.59
N VAL A 200 -0.60 17.12 -14.64
CA VAL A 200 -0.27 16.06 -13.70
C VAL A 200 -0.29 14.71 -14.41
N VAL A 201 0.71 13.89 -14.08
CA VAL A 201 0.88 12.49 -14.56
C VAL A 201 0.44 11.66 -13.35
N PHE A 202 -0.62 10.84 -13.47
CA PHE A 202 -1.06 9.98 -12.36
C PHE A 202 -0.49 8.57 -12.60
N SER A 203 0.37 8.13 -11.70
CA SER A 203 1.02 6.84 -11.79
C SER A 203 0.53 5.65 -10.98
N THR A 204 0.15 4.60 -11.70
CA THR A 204 -0.24 3.37 -11.02
C THR A 204 0.77 2.26 -11.46
N VAL A 205 2.01 2.72 -11.72
CA VAL A 205 3.13 1.89 -12.09
C VAL A 205 3.68 1.41 -10.76
N VAL A 206 3.82 0.11 -10.61
CA VAL A 206 4.34 -0.44 -9.40
C VAL A 206 5.72 -1.17 -9.47
N GLY A 207 6.35 -1.36 -8.31
CA GLY A 207 7.62 -2.02 -8.24
C GLY A 207 8.75 -1.35 -8.98
N THR A 208 9.61 -2.19 -9.57
CA THR A 208 10.80 -1.80 -10.33
C THR A 208 10.59 -0.75 -11.43
N GLY A 209 9.55 -0.91 -12.24
CA GLY A 209 9.35 0.07 -13.26
C GLY A 209 9.14 1.47 -12.75
N THR A 210 8.65 1.64 -11.52
CA THR A 210 8.37 2.96 -10.94
C THR A 210 9.54 3.94 -11.07
N ALA A 211 10.70 3.58 -10.52
CA ALA A 211 11.87 4.48 -10.59
C ALA A 211 12.36 4.69 -12.02
N GLU A 212 12.23 3.70 -12.88
CA GLU A 212 12.67 3.83 -14.25
C GLU A 212 11.72 4.76 -14.98
N LEU A 213 10.43 4.67 -14.64
CA LEU A 213 9.44 5.53 -15.27
C LEU A 213 9.77 6.96 -14.89
N TYR A 214 9.83 7.23 -13.59
CA TYR A 214 10.10 8.55 -13.05
C TYR A 214 11.29 9.25 -13.65
N ARG A 215 12.40 8.53 -13.74
CA ARG A 215 13.65 9.01 -14.29
C ARG A 215 13.48 9.23 -15.77
N ALA A 216 12.84 8.29 -16.47
CA ALA A 216 12.67 8.48 -17.91
C ALA A 216 11.88 9.76 -18.21
N ILE A 217 10.83 10.02 -17.43
CA ILE A 217 9.99 11.21 -17.66
C ILE A 217 10.84 12.44 -17.36
N ALA A 218 11.64 12.36 -16.32
CA ALA A 218 12.45 13.49 -16.00
C ALA A 218 13.40 13.75 -17.16
N ARG A 219 14.01 12.69 -17.64
CA ARG A 219 14.97 12.79 -18.71
C ARG A 219 14.40 13.20 -20.05
N ARG A 220 13.14 12.97 -20.32
CA ARG A 220 12.59 13.38 -21.60
C ARG A 220 12.32 14.89 -21.48
N TYR A 221 11.89 15.31 -20.29
CA TYR A 221 11.57 16.71 -20.03
C TYR A 221 12.75 17.64 -20.00
N GLY A 222 13.87 17.17 -19.46
CA GLY A 222 15.09 17.96 -19.38
C GLY A 222 15.07 19.15 -18.41
N ASP A 223 15.41 20.31 -18.95
CA ASP A 223 15.42 21.52 -18.13
C ASP A 223 14.04 22.13 -18.09
N GLY A 224 13.63 22.57 -16.90
CA GLY A 224 12.35 23.23 -16.76
C GLY A 224 11.03 22.47 -16.71
N ARG A 225 10.02 23.18 -16.18
CA ARG A 225 8.65 22.69 -15.94
C ARG A 225 8.10 21.46 -16.66
N ARG A 226 7.91 20.41 -15.85
CA ARG A 226 7.34 19.12 -16.25
C ARG A 226 6.34 18.82 -15.14
N PRO A 227 5.20 18.17 -15.48
CA PRO A 227 4.19 17.86 -14.49
C PRO A 227 4.71 16.96 -13.36
N PRO A 228 4.13 17.12 -12.16
CA PRO A 228 4.58 16.27 -11.05
C PRO A 228 4.01 14.88 -11.26
N ILE A 229 4.61 13.86 -10.64
CA ILE A 229 4.03 12.54 -10.78
C ILE A 229 3.33 12.22 -9.48
N ALA A 230 2.02 11.99 -9.54
CA ALA A 230 1.25 11.64 -8.36
C ALA A 230 1.16 10.13 -8.35
N SER A 231 1.06 9.56 -7.18
CA SER A 231 0.98 8.13 -7.09
C SER A 231 0.35 7.77 -5.78
N LEU A 232 -0.18 6.55 -5.71
CA LEU A 232 -0.83 6.01 -4.48
C LEU A 232 0.06 4.91 -3.93
N THR A 233 1.01 4.50 -4.73
CA THR A 233 1.91 3.43 -4.35
C THR A 233 3.37 3.85 -4.08
N THR A 234 3.94 4.77 -4.86
CA THR A 234 5.33 5.14 -4.65
C THR A 234 5.60 5.51 -3.22
N SER A 235 6.65 4.90 -2.68
CA SER A 235 7.04 5.11 -1.32
C SER A 235 8.53 5.30 -1.29
N GLU A 236 9.05 5.34 -0.08
CA GLU A 236 10.45 5.52 0.20
C GLU A 236 11.30 4.38 -0.40
N ALA A 237 10.69 3.22 -0.61
CA ALA A 237 11.40 2.07 -1.19
C ALA A 237 11.73 2.29 -2.66
N GLU A 238 10.77 2.85 -3.38
CA GLU A 238 10.92 3.10 -4.81
C GLU A 238 11.74 4.36 -4.91
N VAL A 239 11.45 5.33 -4.06
CA VAL A 239 12.15 6.60 -4.03
C VAL A 239 13.64 6.42 -3.80
N ALA A 240 14.00 5.45 -2.95
CA ALA A 240 15.38 5.10 -2.68
C ALA A 240 16.16 4.74 -3.95
N LYS A 241 15.45 4.38 -5.02
CA LYS A 241 16.07 4.01 -6.32
C LYS A 241 16.16 5.15 -7.36
N MET A 242 15.90 6.39 -6.97
CA MET A 242 15.94 7.45 -7.95
C MET A 242 16.90 8.52 -7.52
N GLU A 243 17.20 9.41 -8.46
CA GLU A 243 18.08 10.57 -8.26
C GLU A 243 17.17 11.69 -7.71
N SER A 244 17.64 12.43 -6.71
CA SER A 244 16.86 13.49 -6.03
C SER A 244 16.15 14.54 -6.88
N ASP A 245 16.66 14.76 -8.09
CA ASP A 245 16.09 15.72 -9.02
C ASP A 245 14.97 15.08 -9.82
N VAL A 246 15.00 13.75 -9.86
CA VAL A 246 14.00 12.93 -10.53
C VAL A 246 12.87 12.69 -9.49
N ALA A 247 13.28 12.51 -8.26
CA ALA A 247 12.36 12.24 -7.19
C ALA A 247 11.61 13.45 -6.75
N GLU A 248 12.33 14.56 -6.52
CA GLU A 248 11.72 15.79 -6.01
C GLU A 248 10.55 16.37 -6.81
N GLY A 249 9.51 16.81 -6.08
CA GLY A 249 8.33 17.40 -6.68
C GLY A 249 7.19 16.44 -6.92
N GLN A 250 7.51 15.14 -6.84
CA GLN A 250 6.54 14.08 -7.07
C GLN A 250 5.62 14.02 -5.87
N VAL A 251 4.36 13.69 -6.12
CA VAL A 251 3.30 13.65 -5.11
C VAL A 251 2.82 12.21 -4.81
N VAL A 252 2.56 11.89 -3.53
CA VAL A 252 2.05 10.58 -3.08
C VAL A 252 1.06 10.79 -1.92
N VAL A 253 0.05 9.95 -1.83
CA VAL A 253 -0.94 10.00 -0.76
C VAL A 253 -0.82 8.65 -0.11
N ALA A 254 -0.58 8.66 1.19
CA ALA A 254 -0.44 7.43 1.93
C ALA A 254 -0.92 7.70 3.36
N PRO A 255 -1.44 6.68 4.04
CA PRO A 255 -1.85 7.03 5.40
C PRO A 255 -0.68 7.29 6.36
N TYR A 256 0.56 7.27 5.86
CA TYR A 256 1.76 7.43 6.67
C TYR A 256 2.98 7.69 5.82
N PHE A 257 4.04 8.24 6.43
CA PHE A 257 5.37 8.52 5.81
C PHE A 257 6.37 8.34 6.96
N SER A 258 7.63 7.98 6.68
CA SER A 258 8.64 7.78 7.75
C SER A 258 8.95 9.05 8.54
N SER A 259 8.86 10.18 7.85
CA SER A 259 9.14 11.47 8.45
C SER A 259 7.99 12.25 9.17
N ILE A 260 6.89 11.64 9.60
CA ILE A 260 5.86 12.47 10.29
C ILE A 260 6.36 12.87 11.70
N ASP A 261 5.99 14.10 12.08
CA ASP A 261 6.37 14.76 13.35
C ASP A 261 6.24 14.07 14.69
N THR A 262 5.13 13.40 14.87
CA THR A 262 4.77 12.74 16.12
C THR A 262 5.66 11.75 16.83
N PRO A 263 5.39 11.56 18.12
CA PRO A 263 6.13 10.62 18.96
C PRO A 263 5.90 9.20 18.51
N ALA A 264 4.71 8.90 18.00
CA ALA A 264 4.36 7.54 17.53
C ALA A 264 5.18 7.15 16.30
N SER A 265 5.29 8.07 15.34
CA SER A 265 6.09 7.86 14.14
C SER A 265 7.59 7.61 14.52
N ARG A 266 8.21 8.59 15.19
CA ARG A 266 9.60 8.50 15.68
C ARG A 266 9.85 7.20 16.46
N ALA A 267 8.95 6.79 17.32
CA ALA A 267 9.17 5.55 18.06
C ALA A 267 9.23 4.39 17.09
N PHE A 268 8.28 4.39 16.15
CA PHE A 268 8.21 3.35 15.16
C PHE A 268 9.50 3.40 14.32
N VAL A 269 9.88 4.61 13.94
CA VAL A 269 11.04 4.81 13.11
C VAL A 269 12.38 4.44 13.74
N GLN A 270 12.76 5.12 14.82
CA GLN A 270 14.03 4.82 15.48
C GLN A 270 14.05 3.32 15.78
N ALA A 271 12.89 2.71 15.91
CA ALA A 271 12.85 1.28 16.15
C ALA A 271 13.10 0.51 14.82
N CYS A 272 12.59 1.02 13.72
CA CYS A 272 12.75 0.30 12.45
C CYS A 272 14.18 0.29 12.11
N HIS A 273 14.81 1.43 12.39
CA HIS A 273 16.23 1.63 12.14
C HIS A 273 17.06 0.60 12.94
N GLY A 274 16.59 0.18 14.10
CA GLY A 274 17.31 -0.80 14.86
C GLY A 274 16.82 -2.23 14.65
N PHE A 275 16.34 -2.55 13.46
CA PHE A 275 15.83 -3.91 13.21
C PHE A 275 15.76 -4.27 11.71
N PHE A 276 15.47 -3.30 10.87
CA PHE A 276 15.41 -3.56 9.45
C PHE A 276 16.82 -3.77 8.95
N PRO A 277 17.04 -4.62 7.92
CA PRO A 277 18.40 -4.81 7.40
C PRO A 277 18.54 -3.66 6.41
N GLU A 278 19.76 -3.28 6.06
CA GLU A 278 19.96 -2.13 5.17
C GLU A 278 19.20 -2.10 3.84
N ASN A 279 18.76 -3.25 3.31
CA ASN A 279 18.04 -3.26 2.03
C ASN A 279 16.49 -3.11 2.17
N ALA A 280 16.00 -3.07 3.41
CA ALA A 280 14.59 -2.88 3.66
C ALA A 280 14.48 -1.41 4.09
N THR A 281 13.49 -0.66 3.56
CA THR A 281 13.25 0.76 3.90
C THR A 281 11.93 0.93 4.71
N ILE A 282 11.77 2.06 5.40
CA ILE A 282 10.55 2.35 6.19
C ILE A 282 9.49 3.06 5.29
N THR A 283 8.36 2.41 5.09
CA THR A 283 7.36 3.01 4.23
C THR A 283 6.04 2.95 4.92
N ALA A 284 5.03 3.48 4.28
CA ALA A 284 3.70 3.42 4.86
C ALA A 284 3.16 2.00 4.83
N TRP A 285 3.69 1.18 3.93
CA TRP A 285 3.19 -0.18 3.79
C TRP A 285 3.78 -1.12 4.86
N ALA A 286 5.00 -0.83 5.29
CA ALA A 286 5.65 -1.57 6.36
C ALA A 286 4.86 -1.19 7.62
N GLU A 287 4.44 0.08 7.71
CA GLU A 287 3.63 0.64 8.83
C GLU A 287 2.28 -0.06 9.00
N ALA A 288 1.58 -0.30 7.87
CA ALA A 288 0.30 -1.04 7.78
C ALA A 288 0.49 -2.51 8.16
N ALA A 289 1.57 -3.14 7.68
CA ALA A 289 1.80 -4.56 8.05
C ALA A 289 2.12 -4.66 9.52
N TYR A 290 2.78 -3.62 10.06
CA TYR A 290 3.11 -3.52 11.50
C TYR A 290 1.86 -3.38 12.38
N TRP A 291 1.00 -2.36 12.15
CA TRP A 291 -0.21 -2.26 12.97
C TRP A 291 -1.15 -3.46 12.81
N GLN A 292 -1.32 -4.00 11.60
CA GLN A 292 -2.21 -5.15 11.47
C GLN A 292 -1.68 -6.36 12.15
N THR A 293 -0.36 -6.49 12.23
CA THR A 293 0.24 -7.64 12.94
C THR A 293 0.08 -7.50 14.47
N LEU A 294 0.20 -6.28 15.01
CA LEU A 294 -0.05 -6.01 16.45
C LEU A 294 -1.45 -6.47 16.82
N LEU A 295 -2.42 -5.89 16.11
CA LEU A 295 -3.85 -6.18 16.25
C LEU A 295 -4.09 -7.67 16.21
N LEU A 296 -3.47 -8.40 15.30
CA LEU A 296 -3.71 -9.84 15.29
C LEU A 296 -3.22 -10.40 16.66
N GLY A 297 -2.17 -9.78 17.19
CA GLY A 297 -1.63 -10.19 18.46
C GLY A 297 -2.60 -9.82 19.54
N ARG A 298 -2.81 -8.55 19.71
CA ARG A 298 -3.73 -8.06 20.69
C ARG A 298 -5.07 -8.81 20.75
N ALA A 299 -5.71 -9.01 19.59
CA ALA A 299 -7.00 -9.68 19.50
C ALA A 299 -6.91 -11.03 20.07
N ALA A 300 -5.76 -11.68 19.87
CA ALA A 300 -5.53 -13.04 20.36
C ALA A 300 -5.26 -13.10 21.85
N GLN A 301 -4.60 -12.07 22.40
CA GLN A 301 -4.36 -12.02 23.84
C GLN A 301 -5.73 -11.94 24.51
N ALA A 302 -6.52 -10.95 24.05
CA ALA A 302 -7.85 -10.68 24.50
C ALA A 302 -8.73 -11.90 24.32
N ALA A 303 -8.65 -12.58 23.18
CA ALA A 303 -9.47 -13.78 22.97
C ALA A 303 -8.85 -14.91 23.76
N GLY A 304 -7.57 -14.74 24.10
CA GLY A 304 -6.80 -15.72 24.84
C GLY A 304 -6.66 -17.02 24.09
N ASN A 305 -6.38 -16.94 22.81
CA ASN A 305 -6.35 -18.16 22.05
C ASN A 305 -5.93 -17.85 20.64
N TRP A 306 -5.60 -18.89 19.89
CA TRP A 306 -5.22 -18.74 18.49
C TRP A 306 -6.19 -19.46 17.59
N ARG A 307 -7.47 -19.29 17.88
CA ARG A 307 -8.53 -19.87 17.08
C ARG A 307 -9.00 -18.70 16.24
N VAL A 308 -9.33 -18.92 14.95
CA VAL A 308 -9.73 -17.77 14.10
C VAL A 308 -11.00 -17.07 14.56
N GLU A 309 -12.05 -17.84 14.89
CA GLU A 309 -13.34 -17.26 15.34
C GLU A 309 -13.12 -16.46 16.60
N ASP A 310 -12.37 -17.06 17.51
CA ASP A 310 -12.03 -16.41 18.76
C ASP A 310 -11.37 -15.08 18.47
N VAL A 311 -10.34 -15.09 17.63
CA VAL A 311 -9.62 -13.87 17.31
C VAL A 311 -10.42 -12.85 16.50
N GLN A 312 -11.25 -13.33 15.59
CA GLN A 312 -12.01 -12.44 14.75
C GLN A 312 -12.99 -11.57 15.53
N ARG A 313 -13.73 -12.19 16.44
CA ARG A 313 -14.69 -11.45 17.24
C ARG A 313 -14.07 -10.22 17.93
N HIS A 314 -12.79 -10.31 18.34
CA HIS A 314 -12.08 -9.21 19.01
C HIS A 314 -11.38 -8.21 18.09
N LEU A 315 -11.18 -8.61 16.85
CA LEU A 315 -10.51 -7.79 15.84
C LEU A 315 -11.13 -6.41 15.70
N TYR A 316 -12.44 -6.35 15.58
CA TYR A 316 -13.11 -5.09 15.42
C TYR A 316 -13.28 -4.28 16.71
N ASP A 317 -12.83 -4.79 17.87
CA ASP A 317 -12.98 -4.06 19.15
C ASP A 317 -11.72 -3.50 19.71
N ILE A 318 -10.62 -3.69 19.01
CA ILE A 318 -9.33 -3.19 19.49
C ILE A 318 -8.99 -2.02 18.61
N ASP A 319 -8.58 -0.91 19.21
CA ASP A 319 -8.19 0.30 18.48
C ASP A 319 -6.71 0.38 18.64
N ILE A 320 -5.98 0.48 17.56
CA ILE A 320 -4.54 0.51 17.67
C ILE A 320 -4.07 1.92 17.50
N ASP A 321 -3.10 2.32 18.34
CA ASP A 321 -2.53 3.62 18.18
C ASP A 321 -1.24 3.41 17.40
N ALA A 322 -1.45 3.25 16.08
CA ALA A 322 -0.45 3.03 15.07
C ALA A 322 0.34 4.26 14.83
N PRO A 323 1.54 4.07 14.32
CA PRO A 323 2.46 5.15 14.00
C PRO A 323 1.85 6.29 13.15
N GLN A 324 0.82 5.98 12.35
CA GLN A 324 0.12 6.97 11.46
C GLN A 324 -0.95 7.82 12.20
N GLY A 325 -1.57 7.22 13.21
CA GLY A 325 -2.60 7.88 13.97
C GLY A 325 -3.38 6.73 14.51
N PRO A 326 -4.53 6.94 15.12
CA PRO A 326 -5.29 5.79 15.64
C PRO A 326 -5.92 5.02 14.45
N VAL A 327 -6.03 3.71 14.54
CA VAL A 327 -6.61 2.95 13.41
C VAL A 327 -7.61 2.00 14.04
N ARG A 328 -8.50 1.44 13.24
CA ARG A 328 -9.53 0.50 13.70
C ARG A 328 -10.00 -0.23 12.45
N VAL A 329 -10.59 -1.42 12.57
CA VAL A 329 -11.07 -2.21 11.41
C VAL A 329 -12.57 -2.26 11.46
N GLU A 330 -13.24 -1.76 10.44
CA GLU A 330 -14.71 -1.79 10.37
C GLU A 330 -15.27 -3.18 10.16
N ARG A 331 -16.22 -3.58 10.98
CA ARG A 331 -16.84 -4.89 10.89
C ARG A 331 -17.83 -4.96 9.75
N GLN A 332 -18.22 -3.82 9.17
CA GLN A 332 -19.20 -3.86 8.08
C GLN A 332 -18.64 -4.22 6.72
N ASN A 333 -17.32 -4.09 6.55
CA ASN A 333 -16.70 -4.43 5.28
C ASN A 333 -15.25 -4.90 5.37
N ASN A 334 -14.73 -5.09 6.58
CA ASN A 334 -13.33 -5.54 6.85
C ASN A 334 -12.23 -4.58 6.40
N HIS A 335 -12.56 -3.31 6.18
CA HIS A 335 -11.57 -2.35 5.75
C HIS A 335 -11.15 -1.56 6.97
N SER A 336 -10.22 -0.61 6.83
CA SER A 336 -9.72 0.14 7.99
C SER A 336 -9.94 1.66 7.99
N ARG A 337 -10.12 2.25 9.17
CA ARG A 337 -10.27 3.72 9.27
C ARG A 337 -8.85 4.11 9.20
N LEU A 338 -8.51 4.94 8.23
CA LEU A 338 -7.13 5.31 8.03
C LEU A 338 -6.98 6.79 7.82
N SER A 339 -5.81 7.32 8.11
CA SER A 339 -5.54 8.73 7.90
C SER A 339 -5.13 8.85 6.46
N SER A 340 -5.04 10.07 5.96
CA SER A 340 -4.60 10.25 4.61
C SER A 340 -3.75 11.46 4.59
N ARG A 341 -2.56 11.31 4.05
CA ARG A 341 -1.63 12.39 4.01
C ARG A 341 -1.18 12.58 2.60
N ILE A 342 -1.01 13.84 2.18
CA ILE A 342 -0.52 14.12 0.84
C ILE A 342 0.83 14.80 1.08
N ALA A 343 1.90 14.06 0.81
CA ALA A 343 3.24 14.55 1.02
C ALA A 343 3.85 14.93 -0.29
N GLU A 344 4.92 15.71 -0.25
CA GLU A 344 5.62 16.13 -1.45
C GLU A 344 7.09 15.86 -1.22
N ILE A 345 7.74 15.27 -2.19
CA ILE A 345 9.11 14.92 -1.99
C ILE A 345 10.03 16.12 -2.09
N ASP A 346 11.01 16.14 -1.17
CA ASP A 346 12.10 17.13 -1.04
C ASP A 346 13.07 17.07 -2.19
N ALA A 347 13.83 18.14 -2.30
CA ALA A 347 14.87 18.16 -3.31
C ALA A 347 15.87 17.13 -2.80
N ARG A 348 15.83 16.82 -1.49
CA ARG A 348 16.74 15.87 -0.88
C ARG A 348 16.11 14.51 -0.56
N GLY A 349 14.97 14.24 -1.19
CA GLY A 349 14.31 12.96 -1.02
C GLY A 349 13.43 12.62 0.15
N VAL A 350 12.99 13.61 0.91
CA VAL A 350 12.13 13.38 2.06
C VAL A 350 10.72 13.70 1.68
N PHE A 351 9.81 12.93 2.23
CA PHE A 351 8.42 13.17 1.96
C PHE A 351 7.99 14.31 2.87
N GLN A 352 7.63 15.42 2.25
CA GLN A 352 7.15 16.58 2.95
C GLN A 352 5.63 16.67 2.93
N VAL A 353 5.00 16.22 4.00
CA VAL A 353 3.54 16.28 4.10
C VAL A 353 3.10 17.72 3.77
N ARG A 354 2.06 17.84 2.99
CA ARG A 354 1.51 19.10 2.56
C ARG A 354 0.11 19.21 3.11
N TRP A 355 -0.59 18.10 3.22
CA TRP A 355 -1.96 18.15 3.69
C TRP A 355 -2.15 16.89 4.48
N GLN A 356 -3.12 16.89 5.38
CA GLN A 356 -3.40 15.74 6.20
C GLN A 356 -4.87 15.78 6.53
N SER A 357 -5.55 14.63 6.45
CA SER A 357 -6.99 14.58 6.74
C SER A 357 -7.28 14.89 8.19
N PRO A 358 -8.29 15.76 8.46
CA PRO A 358 -8.74 16.20 9.79
C PRO A 358 -8.97 15.05 10.79
N GLU A 359 -9.33 13.88 10.25
CA GLU A 359 -9.55 12.66 11.01
C GLU A 359 -9.40 11.50 10.01
N PRO A 360 -9.29 10.27 10.51
CA PRO A 360 -9.16 9.12 9.61
C PRO A 360 -10.42 9.02 8.81
N ILE A 361 -10.29 8.63 7.55
CA ILE A 361 -11.41 8.46 6.64
C ILE A 361 -11.99 7.05 6.84
N ARG A 362 -13.32 6.89 7.05
CA ARG A 362 -13.92 5.54 7.20
C ARG A 362 -13.83 4.91 5.80
N PRO A 363 -13.61 3.58 5.71
CA PRO A 363 -13.52 2.95 4.39
C PRO A 363 -14.87 2.73 3.67
N ASP A 364 -14.92 3.02 2.38
CA ASP A 364 -16.12 2.79 1.57
C ASP A 364 -15.61 2.16 0.28
N PRO A 365 -15.37 0.85 0.30
CA PRO A 365 -14.85 0.12 -0.87
C PRO A 365 -15.63 0.21 -2.18
N TYR A 366 -16.95 0.34 -2.10
CA TYR A 366 -17.81 0.48 -3.30
C TYR A 366 -17.89 2.00 -3.53
N VAL A 367 -16.97 2.50 -4.34
CA VAL A 367 -16.85 3.93 -4.59
C VAL A 367 -17.79 4.48 -5.65
N VAL A 368 -18.87 5.17 -5.21
CA VAL A 368 -19.86 5.82 -6.08
C VAL A 368 -19.44 7.30 -5.87
N VAL A 369 -18.69 7.87 -6.80
CA VAL A 369 -18.17 9.24 -6.72
C VAL A 369 -19.11 10.39 -6.30
N HIS A 370 -20.37 10.35 -6.74
CA HIS A 370 -21.29 11.43 -6.40
C HIS A 370 -21.69 11.39 -4.94
N ASN A 371 -21.65 10.18 -4.37
CA ASN A 371 -21.97 9.94 -2.94
C ASN A 371 -20.69 10.14 -2.11
N LEU A 372 -19.65 10.71 -2.72
CA LEU A 372 -18.40 10.94 -2.04
C LEU A 372 -18.34 12.31 -1.41
N ASP A 373 -17.65 12.37 -0.29
CA ASP A 373 -17.47 13.62 0.40
C ASP A 373 -16.57 14.36 -0.56
N ASP A 374 -16.77 15.65 -0.64
CA ASP A 374 -15.91 16.39 -1.53
C ASP A 374 -14.94 17.17 -0.69
N TRP A 375 -13.68 16.87 -1.00
CA TRP A 375 -12.56 17.50 -0.35
C TRP A 375 -12.50 18.89 -1.02
#